data_1EEO
#
_entry.id   1EEO
#
_cell.length_a   52.581
_cell.length_b   82.050
_cell.length_c   88.543
_cell.angle_alpha   90.00
_cell.angle_beta   90.00
_cell.angle_gamma   90.00
#
_symmetry.space_group_name_H-M   'P 21 21 21'
#
loop_
_entity.id
_entity.type
_entity.pdbx_description
1 polymer 'PROTEIN TYROSINE PHOSPHATASE 1B'
2 polymer 'ACETYL-E-L-E-F-PTYR-M-D-Y-E-NH2 PEPTIDE'
3 non-polymer 'MAGNESIUM ION'
4 water water
#
loop_
_entity_poly.entity_id
_entity_poly.type
_entity_poly.pdbx_seq_one_letter_code
_entity_poly.pdbx_strand_id
1 'polypeptide(L)'
;MEMEKEFEQIDKSGSWAAIYQDIRHEASDFPCRVAKLPKNKNRNRYRDVSPFDHSRIKLHQEDNDYINASLIKMEEAQRS
YILTQGPLPNTCGHFWEMVWEQKSRGVVMLNRVMEKGSLKCAQYWPQKEEKEMIFEDTNLKLTLISEDIKSYYTVRQLEL
ENLTTQETREILHFHYTTWPDFGVPESPASFLNFLFKVRESGSLSPEHGPVVVHSSAGIGRSGTFCLADTCLLLMDKRKD
PSSVDIKKVLLEMRKFRMGLIQTADQLRFSYLAVIEGAKFIMGDSSVQDQWKELSHEDLEPPPEHIPPPPRPPKRILEPH
N
;
A
2 'polypeptide(L)' (ACE)ELEF(PTR)MDYE(NH2) B
#
# COMPACT_ATOMS: atom_id res chain seq x y z
N GLU A 2 -15.04 3.65 21.64
CA GLU A 2 -14.92 2.29 21.06
C GLU A 2 -15.29 2.33 19.59
N MET A 3 -14.47 1.69 18.76
CA MET A 3 -14.70 1.71 17.33
C MET A 3 -15.99 1.02 16.91
N GLU A 4 -16.40 0.01 17.66
CA GLU A 4 -17.63 -0.70 17.34
C GLU A 4 -18.81 0.26 17.54
N LYS A 5 -18.75 1.07 18.59
CA LYS A 5 -19.80 2.03 18.87
C LYS A 5 -19.78 3.15 17.83
N GLU A 6 -18.59 3.60 17.46
CA GLU A 6 -18.49 4.66 16.45
C GLU A 6 -19.03 4.12 15.13
N PHE A 7 -18.60 2.91 14.77
CA PHE A 7 -19.06 2.28 13.53
C PHE A 7 -20.58 2.22 13.45
N GLU A 8 -21.21 1.73 14.52
CA GLU A 8 -22.65 1.60 14.53
C GLU A 8 -23.34 2.96 14.43
N GLN A 9 -22.81 3.93 15.17
CA GLN A 9 -23.36 5.27 15.19
C GLN A 9 -23.40 5.81 13.75
N ILE A 10 -22.30 5.64 13.03
CA ILE A 10 -22.21 6.09 11.65
C ILE A 10 -23.11 5.28 10.71
N ASP A 11 -23.01 3.97 10.82
CA ASP A 11 -23.76 3.06 9.95
C ASP A 11 -25.28 3.20 10.10
N LYS A 12 -25.76 3.26 11.34
CA LYS A 12 -27.19 3.36 11.61
C LYS A 12 -27.80 4.69 11.16
N SER A 13 -27.00 5.75 11.17
CA SER A 13 -27.50 7.06 10.76
C SER A 13 -27.32 7.31 9.25
N GLY A 14 -26.69 6.35 8.57
CA GLY A 14 -26.45 6.47 7.15
C GLY A 14 -25.51 7.63 6.85
N SER A 15 -24.49 7.78 7.69
CA SER A 15 -23.54 8.89 7.55
C SER A 15 -22.16 8.58 6.96
N TRP A 16 -21.98 7.43 6.30
CA TRP A 16 -20.67 7.12 5.74
C TRP A 16 -20.20 8.13 4.70
N ALA A 17 -21.07 8.52 3.78
CA ALA A 17 -20.66 9.49 2.77
C ALA A 17 -20.29 10.83 3.44
N ALA A 18 -21.05 11.22 4.46
CA ALA A 18 -20.78 12.49 5.14
C ALA A 18 -19.47 12.46 5.93
N ILE A 19 -19.23 11.37 6.65
CA ILE A 19 -18.01 11.24 7.45
C ILE A 19 -16.81 11.24 6.51
N TYR A 20 -16.90 10.49 5.43
CA TYR A 20 -15.81 10.41 4.46
C TYR A 20 -15.54 11.76 3.79
N GLN A 21 -16.61 12.46 3.41
CA GLN A 21 -16.43 13.75 2.77
C GLN A 21 -15.82 14.76 3.75
N ASP A 22 -16.09 14.60 5.04
CA ASP A 22 -15.54 15.52 6.04
C ASP A 22 -14.03 15.30 6.12
N ILE A 23 -13.62 14.04 6.06
CA ILE A 23 -12.20 13.73 6.09
C ILE A 23 -11.52 14.34 4.87
N ARG A 24 -12.15 14.22 3.70
CA ARG A 24 -11.59 14.81 2.49
C ARG A 24 -11.42 16.32 2.65
N HIS A 25 -12.43 16.96 3.22
CA HIS A 25 -12.41 18.41 3.43
C HIS A 25 -11.32 18.83 4.40
N GLU A 26 -11.11 18.04 5.44
CA GLU A 26 -10.11 18.36 6.45
C GLU A 26 -8.68 17.98 6.05
N ALA A 27 -8.54 17.12 5.05
CA ALA A 27 -7.23 16.67 4.62
C ALA A 27 -6.26 17.79 4.21
N SER A 28 -4.98 17.53 4.46
CA SER A 28 -3.89 18.46 4.13
C SER A 28 -3.80 18.79 2.65
N ASP A 29 -3.32 20.00 2.38
CA ASP A 29 -3.11 20.46 1.02
C ASP A 29 -1.66 20.98 1.03
N PHE A 30 -0.77 20.28 0.35
CA PHE A 30 0.64 20.66 0.27
C PHE A 30 1.03 20.67 -1.21
N PRO A 31 2.06 21.46 -1.55
CA PRO A 31 2.49 21.52 -2.94
C PRO A 31 3.12 20.25 -3.49
N CYS A 32 2.97 20.05 -4.80
CA CYS A 32 3.55 18.91 -5.52
C CYS A 32 4.25 19.49 -6.74
N ARG A 33 5.08 20.51 -6.51
CA ARG A 33 5.78 21.19 -7.60
C ARG A 33 6.67 20.30 -8.46
N VAL A 34 7.45 19.43 -7.83
CA VAL A 34 8.34 18.56 -8.59
C VAL A 34 7.54 17.61 -9.47
N ALA A 35 6.47 17.03 -8.92
CA ALA A 35 5.64 16.09 -9.69
C ALA A 35 5.05 16.74 -10.94
N LYS A 36 4.80 18.05 -10.86
CA LYS A 36 4.19 18.78 -11.95
C LYS A 36 5.15 19.38 -12.97
N LEU A 37 6.45 19.24 -12.76
CA LEU A 37 7.40 19.78 -13.74
C LEU A 37 7.16 19.08 -15.06
N PRO A 38 7.10 19.84 -16.17
CA PRO A 38 6.87 19.22 -17.48
C PRO A 38 7.75 18.00 -17.80
N LYS A 39 9.01 18.02 -17.39
CA LYS A 39 9.90 16.90 -17.67
C LYS A 39 9.50 15.62 -16.96
N ASN A 40 8.65 15.74 -15.94
CA ASN A 40 8.22 14.59 -15.16
C ASN A 40 6.87 14.03 -15.60
N LYS A 41 6.31 14.59 -16.66
CA LYS A 41 5.01 14.14 -17.18
C LYS A 41 4.95 12.63 -17.44
N ASN A 42 5.98 12.07 -18.06
CA ASN A 42 5.98 10.64 -18.35
C ASN A 42 6.29 9.76 -17.14
N ARG A 43 6.43 10.36 -15.97
CA ARG A 43 6.70 9.59 -14.74
C ARG A 43 5.47 9.46 -13.84
N ASN A 44 4.36 10.09 -14.26
CA ASN A 44 3.10 10.05 -13.52
C ASN A 44 2.03 9.32 -14.28
N ARG A 45 1.43 8.32 -13.63
CA ARG A 45 0.38 7.55 -14.26
C ARG A 45 -0.92 8.37 -14.36
N TYR A 46 -1.23 9.12 -13.31
CA TYR A 46 -2.46 9.92 -13.29
C TYR A 46 -2.17 11.39 -13.00
N ARG A 47 -2.86 12.29 -13.71
CA ARG A 47 -2.67 13.73 -13.50
C ARG A 47 -3.23 14.19 -12.15
N ASP A 48 -4.15 13.43 -11.58
CA ASP A 48 -4.76 13.82 -10.32
C ASP A 48 -4.23 13.09 -9.08
N VAL A 49 -3.09 12.41 -9.22
CA VAL A 49 -2.48 11.72 -8.09
C VAL A 49 -0.99 12.02 -8.13
N SER A 50 -0.54 12.87 -7.22
CA SER A 50 0.85 13.32 -7.16
C SER A 50 1.38 13.29 -5.73
N PRO A 51 2.69 13.06 -5.57
CA PRO A 51 3.24 13.05 -4.22
C PRO A 51 3.58 14.47 -3.78
N PHE A 52 3.36 14.77 -2.50
CA PHE A 52 3.71 16.09 -1.97
C PHE A 52 5.24 16.22 -2.01
N ASP A 53 5.73 17.43 -2.25
CA ASP A 53 7.16 17.64 -2.29
C ASP A 53 7.85 17.29 -0.97
N HIS A 54 7.22 17.64 0.16
CA HIS A 54 7.86 17.42 1.45
C HIS A 54 8.08 15.96 1.84
N SER A 55 7.23 15.07 1.34
CA SER A 55 7.32 13.66 1.69
C SER A 55 7.69 12.73 0.53
N ARG A 56 7.99 13.29 -0.65
CA ARG A 56 8.31 12.43 -1.78
C ARG A 56 9.61 11.67 -1.59
N ILE A 57 9.67 10.48 -2.18
CA ILE A 57 10.88 9.66 -2.14
C ILE A 57 11.78 10.15 -3.29
N LYS A 58 13.04 10.44 -2.98
CA LYS A 58 13.97 10.88 -4.01
C LYS A 58 14.87 9.73 -4.45
N LEU A 59 15.00 9.54 -5.76
CA LEU A 59 15.89 8.52 -6.27
C LEU A 59 17.31 9.06 -6.04
N HIS A 60 18.27 8.17 -5.82
CA HIS A 60 19.64 8.60 -5.58
C HIS A 60 20.43 8.79 -6.86
N GLN A 61 19.84 9.47 -7.84
CA GLN A 61 20.54 9.72 -9.09
C GLN A 61 20.46 11.19 -9.43
N GLU A 62 21.55 11.73 -9.96
CA GLU A 62 21.61 13.14 -10.33
C GLU A 62 20.79 13.48 -11.56
N ASP A 63 20.60 12.52 -12.45
CA ASP A 63 19.84 12.74 -13.67
C ASP A 63 18.47 13.36 -13.38
N ASN A 64 17.63 12.60 -12.70
CA ASN A 64 16.29 13.04 -12.34
C ASN A 64 15.89 12.18 -11.15
N ASP A 65 15.78 12.78 -9.98
CA ASP A 65 15.45 12.02 -8.77
C ASP A 65 13.97 11.79 -8.52
N TYR A 66 13.13 12.10 -9.51
CA TYR A 66 11.69 11.96 -9.32
C TYR A 66 11.01 10.60 -9.56
N ILE A 67 10.17 10.22 -8.60
CA ILE A 67 9.34 9.03 -8.70
C ILE A 67 8.03 9.38 -7.98
N ASN A 68 6.91 8.90 -8.50
CA ASN A 68 5.63 9.19 -7.87
C ASN A 68 5.51 8.20 -6.71
N ALA A 69 6.06 8.60 -5.56
CA ALA A 69 6.08 7.78 -4.36
C ALA A 69 6.22 8.69 -3.15
N SER A 70 5.57 8.32 -2.05
CA SER A 70 5.59 9.12 -0.84
C SER A 70 5.95 8.31 0.39
N LEU A 71 6.66 8.94 1.32
CA LEU A 71 7.02 8.26 2.56
C LEU A 71 5.99 8.64 3.60
N ILE A 72 5.21 7.66 4.05
CA ILE A 72 4.19 7.85 5.06
C ILE A 72 4.88 7.44 6.36
N LYS A 73 5.23 8.43 7.17
CA LYS A 73 5.95 8.17 8.41
C LYS A 73 5.05 8.33 9.63
N MET A 74 4.63 7.22 10.20
CA MET A 74 3.75 7.24 11.37
C MET A 74 4.61 7.19 12.62
N GLU A 75 4.83 8.36 13.18
CA GLU A 75 5.66 8.53 14.37
C GLU A 75 5.25 7.72 15.59
N GLU A 76 4.01 7.87 16.06
CA GLU A 76 3.59 7.12 17.24
C GLU A 76 3.57 5.60 17.03
N ALA A 77 3.12 5.18 15.86
CA ALA A 77 3.04 3.76 15.54
C ALA A 77 4.42 3.16 15.28
N GLN A 78 5.41 4.03 15.06
CA GLN A 78 6.76 3.59 14.78
C GLN A 78 6.85 2.69 13.54
N ARG A 79 6.14 3.09 12.49
CA ARG A 79 6.18 2.35 11.24
C ARG A 79 6.09 3.31 10.07
N SER A 80 6.83 3.00 9.02
CA SER A 80 6.81 3.85 7.82
C SER A 80 6.43 2.98 6.65
N TYR A 81 5.81 3.59 5.65
CA TYR A 81 5.41 2.89 4.44
C TYR A 81 5.75 3.79 3.28
N ILE A 82 6.04 3.19 2.13
CA ILE A 82 6.24 4.01 0.95
C ILE A 82 5.05 3.67 0.07
N LEU A 83 4.21 4.64 -0.26
CA LEU A 83 3.06 4.41 -1.14
C LEU A 83 3.41 5.01 -2.50
N THR A 84 3.23 4.21 -3.53
CA THR A 84 3.59 4.64 -4.88
C THR A 84 2.54 4.12 -5.86
N GLN A 85 2.53 4.70 -7.07
CA GLN A 85 1.59 4.31 -8.12
C GLN A 85 2.09 2.99 -8.72
N GLY A 86 1.25 2.35 -9.52
CA GLY A 86 1.69 1.14 -10.19
C GLY A 86 2.72 1.63 -11.20
N PRO A 87 3.93 1.05 -11.23
CA PRO A 87 4.94 1.51 -12.19
C PRO A 87 4.47 1.52 -13.64
N LEU A 88 4.98 2.49 -14.40
CA LEU A 88 4.69 2.62 -15.82
C LEU A 88 5.81 1.89 -16.57
N PRO A 89 5.58 1.56 -17.85
CA PRO A 89 6.62 0.86 -18.61
C PRO A 89 8.01 1.50 -18.51
N ASN A 90 8.03 2.83 -18.43
CA ASN A 90 9.30 3.54 -18.35
C ASN A 90 9.78 3.87 -16.93
N THR A 91 9.02 3.49 -15.92
CA THR A 91 9.44 3.76 -14.53
C THR A 91 9.68 2.49 -13.72
N CYS A 92 9.70 1.33 -14.39
CA CYS A 92 9.95 0.07 -13.70
C CYS A 92 11.36 0.04 -13.11
N GLY A 93 12.31 0.61 -13.85
CA GLY A 93 13.68 0.65 -13.36
C GLY A 93 13.75 1.59 -12.15
N HIS A 94 13.03 2.71 -12.23
CA HIS A 94 13.00 3.67 -11.12
C HIS A 94 12.39 3.02 -9.88
N PHE A 95 11.33 2.24 -10.08
CA PHE A 95 10.66 1.57 -8.98
C PHE A 95 11.61 0.64 -8.22
N TRP A 96 12.34 -0.19 -8.95
CA TRP A 96 13.26 -1.09 -8.28
C TRP A 96 14.47 -0.35 -7.70
N GLU A 97 14.86 0.76 -8.33
CA GLU A 97 15.96 1.56 -7.81
C GLU A 97 15.55 2.04 -6.42
N MET A 98 14.30 2.48 -6.31
CA MET A 98 13.76 2.95 -5.03
C MET A 98 13.77 1.82 -3.99
N VAL A 99 13.29 0.64 -4.40
CA VAL A 99 13.25 -0.51 -3.50
C VAL A 99 14.66 -0.77 -2.96
N TRP A 100 15.64 -0.71 -3.85
CA TRP A 100 17.02 -0.95 -3.46
C TRP A 100 17.55 0.12 -2.50
N GLU A 101 17.46 1.36 -2.94
CA GLU A 101 17.95 2.48 -2.16
C GLU A 101 17.28 2.66 -0.81
N GLN A 102 15.99 2.33 -0.72
CA GLN A 102 15.26 2.47 0.53
C GLN A 102 15.34 1.25 1.43
N LYS A 103 16.05 0.22 0.96
CA LYS A 103 16.26 -1.01 1.72
C LYS A 103 15.00 -1.76 2.09
N SER A 104 13.99 -1.67 1.23
CA SER A 104 12.73 -2.35 1.45
C SER A 104 12.93 -3.87 1.34
N ARG A 105 12.17 -4.61 2.15
CA ARG A 105 12.23 -6.08 2.17
C ARG A 105 10.98 -6.64 1.50
N GLY A 106 9.90 -5.87 1.53
CA GLY A 106 8.67 -6.34 0.92
C GLY A 106 7.97 -5.31 0.04
N VAL A 107 7.23 -5.82 -0.92
CA VAL A 107 6.43 -4.98 -1.81
C VAL A 107 5.01 -5.54 -1.75
N VAL A 108 4.04 -4.69 -1.45
CA VAL A 108 2.64 -5.10 -1.34
C VAL A 108 1.87 -4.51 -2.51
N MET A 109 1.31 -5.38 -3.35
CA MET A 109 0.56 -4.97 -4.54
C MET A 109 -0.91 -5.34 -4.33
N LEU A 110 -1.79 -4.33 -4.42
CA LEU A 110 -3.21 -4.56 -4.16
C LEU A 110 -4.10 -4.48 -5.40
N ASN A 111 -3.49 -4.36 -6.57
CA ASN A 111 -4.24 -4.27 -7.81
C ASN A 111 -3.79 -5.38 -8.76
N ARG A 112 -4.43 -5.45 -9.92
CA ARG A 112 -4.05 -6.40 -10.96
C ARG A 112 -3.50 -5.57 -12.12
N VAL A 113 -2.61 -6.15 -12.90
CA VAL A 113 -2.02 -5.45 -14.03
C VAL A 113 -3.11 -4.96 -14.98
N MET A 114 -4.13 -5.79 -15.19
CA MET A 114 -5.23 -5.44 -16.07
C MET A 114 -6.55 -5.48 -15.26
N GLU A 115 -7.27 -4.36 -15.26
CA GLU A 115 -8.54 -4.28 -14.53
C GLU A 115 -9.61 -3.62 -15.40
N LYS A 116 -10.72 -4.32 -15.61
CA LYS A 116 -11.82 -3.81 -16.42
C LYS A 116 -11.33 -3.55 -17.85
N GLY A 117 -10.56 -4.50 -18.38
CA GLY A 117 -10.05 -4.38 -19.74
C GLY A 117 -9.09 -3.23 -19.95
N SER A 118 -8.55 -2.66 -18.87
CA SER A 118 -7.62 -1.55 -18.97
C SER A 118 -6.35 -1.79 -18.17
N LEU A 119 -5.22 -1.36 -18.70
CA LEU A 119 -3.93 -1.52 -18.02
C LEU A 119 -3.88 -0.53 -16.86
N LYS A 120 -3.58 -1.05 -15.67
CA LYS A 120 -3.52 -0.23 -14.46
C LYS A 120 -2.14 -0.26 -13.80
N CYS A 121 -1.25 -1.07 -14.35
CA CYS A 121 0.09 -1.22 -13.78
C CYS A 121 0.92 -2.05 -14.75
N ALA A 122 2.19 -1.73 -14.88
CA ALA A 122 3.06 -2.48 -15.78
C ALA A 122 3.44 -3.81 -15.14
N GLN A 123 3.85 -4.76 -15.97
CA GLN A 123 4.28 -6.07 -15.49
C GLN A 123 5.74 -5.82 -15.08
N TYR A 124 5.94 -5.30 -13.87
CA TYR A 124 7.27 -4.95 -13.39
C TYR A 124 8.12 -6.05 -12.74
N TRP A 125 7.58 -7.26 -12.65
CA TRP A 125 8.33 -8.38 -12.07
C TRP A 125 8.21 -9.55 -13.05
N PRO A 126 9.18 -10.48 -13.03
CA PRO A 126 9.15 -11.64 -13.94
C PRO A 126 8.05 -12.65 -13.62
N GLN A 127 7.39 -13.15 -14.66
CA GLN A 127 6.34 -14.14 -14.48
C GLN A 127 6.87 -15.57 -14.56
N LYS A 128 8.11 -15.70 -15.05
CA LYS A 128 8.73 -17.01 -15.17
C LYS A 128 10.17 -16.99 -14.68
N GLU A 129 10.53 -18.02 -13.91
CA GLU A 129 11.88 -18.16 -13.38
C GLU A 129 12.97 -17.99 -14.43
N GLU A 130 12.81 -18.64 -15.59
CA GLU A 130 13.80 -18.62 -16.66
C GLU A 130 13.84 -17.34 -17.49
N LYS A 131 12.96 -16.39 -17.19
CA LYS A 131 12.93 -15.13 -17.92
C LYS A 131 13.10 -13.96 -16.97
N GLU A 132 14.33 -13.76 -16.51
CA GLU A 132 14.61 -12.68 -15.59
C GLU A 132 14.54 -11.33 -16.31
N MET A 133 14.45 -10.25 -15.55
CA MET A 133 14.38 -8.90 -16.12
C MET A 133 15.60 -8.08 -15.76
N ILE A 134 16.06 -7.28 -16.70
CA ILE A 134 17.19 -6.40 -16.47
C ILE A 134 16.69 -4.99 -16.75
N PHE A 135 16.91 -4.10 -15.80
CA PHE A 135 16.49 -2.72 -15.95
C PHE A 135 17.77 -1.95 -16.27
N GLU A 136 17.96 -1.70 -17.55
CA GLU A 136 19.16 -1.02 -18.06
C GLU A 136 19.43 0.35 -17.48
N ASP A 137 18.39 1.17 -17.37
CA ASP A 137 18.57 2.52 -16.86
C ASP A 137 19.11 2.61 -15.44
N THR A 138 18.66 1.71 -14.56
CA THR A 138 19.11 1.74 -13.17
C THR A 138 20.09 0.61 -12.84
N ASN A 139 20.41 -0.20 -13.84
CA ASN A 139 21.36 -1.31 -13.69
C ASN A 139 20.95 -2.30 -12.61
N LEU A 140 19.75 -2.84 -12.72
CA LEU A 140 19.26 -3.80 -11.75
C LEU A 140 18.75 -5.05 -12.45
N LYS A 141 18.95 -6.21 -11.84
CA LYS A 141 18.46 -7.47 -12.39
C LYS A 141 17.43 -8.02 -11.40
N LEU A 142 16.34 -8.57 -11.94
CA LEU A 142 15.27 -9.10 -11.10
C LEU A 142 14.89 -10.50 -11.57
N THR A 143 14.88 -11.45 -10.65
CA THR A 143 14.56 -12.85 -10.96
C THR A 143 13.47 -13.40 -10.06
N LEU A 144 12.52 -14.11 -10.66
CA LEU A 144 11.45 -14.76 -9.88
C LEU A 144 12.08 -16.04 -9.33
N ILE A 145 12.11 -16.18 -8.01
CA ILE A 145 12.70 -17.36 -7.39
C ILE A 145 11.64 -18.41 -7.14
N SER A 146 10.48 -17.97 -6.69
CA SER A 146 9.37 -18.89 -6.46
C SER A 146 8.11 -18.09 -6.19
N GLU A 147 6.97 -18.76 -6.27
CA GLU A 147 5.72 -18.10 -5.99
C GLU A 147 4.71 -19.09 -5.43
N ASP A 148 3.96 -18.64 -4.44
CA ASP A 148 2.95 -19.46 -3.79
C ASP A 148 1.61 -18.81 -4.10
N ILE A 149 0.86 -19.42 -5.01
CA ILE A 149 -0.43 -18.91 -5.42
C ILE A 149 -1.61 -19.44 -4.61
N LYS A 150 -2.34 -18.54 -3.96
CA LYS A 150 -3.50 -18.92 -3.18
C LYS A 150 -4.76 -18.41 -3.89
N SER A 151 -5.93 -18.72 -3.37
CA SER A 151 -7.17 -18.32 -4.02
C SER A 151 -7.36 -16.83 -4.29
N TYR A 152 -6.94 -15.98 -3.37
CA TYR A 152 -7.13 -14.55 -3.58
C TYR A 152 -5.87 -13.69 -3.44
N TYR A 153 -4.72 -14.33 -3.28
CA TYR A 153 -3.47 -13.60 -3.19
C TYR A 153 -2.32 -14.53 -3.51
N THR A 154 -1.18 -13.94 -3.88
CA THR A 154 0.00 -14.71 -4.25
C THR A 154 1.21 -14.10 -3.57
N VAL A 155 2.11 -14.95 -3.08
CA VAL A 155 3.34 -14.49 -2.45
C VAL A 155 4.48 -14.96 -3.32
N ARG A 156 5.38 -14.04 -3.68
CA ARG A 156 6.52 -14.40 -4.52
C ARG A 156 7.82 -14.01 -3.87
N GLN A 157 8.84 -14.82 -4.14
CA GLN A 157 10.19 -14.56 -3.67
C GLN A 157 10.92 -14.06 -4.91
N LEU A 158 11.50 -12.87 -4.83
CA LEU A 158 12.24 -12.31 -5.94
C LEU A 158 13.65 -12.01 -5.49
N GLU A 159 14.59 -12.09 -6.43
CA GLU A 159 15.97 -11.74 -6.12
C GLU A 159 16.28 -10.47 -6.91
N LEU A 160 16.64 -9.43 -6.18
CA LEU A 160 16.97 -8.15 -6.79
C LEU A 160 18.49 -7.98 -6.68
N GLU A 161 19.14 -7.73 -7.81
CA GLU A 161 20.59 -7.56 -7.79
C GLU A 161 21.04 -6.20 -8.32
N ASN A 162 21.91 -5.55 -7.56
CA ASN A 162 22.47 -4.27 -7.97
C ASN A 162 23.64 -4.71 -8.85
N LEU A 163 23.51 -4.50 -10.16
CA LEU A 163 24.55 -4.92 -11.09
C LEU A 163 25.83 -4.11 -11.00
N THR A 164 25.77 -2.98 -10.30
CA THR A 164 26.94 -2.12 -10.14
C THR A 164 27.83 -2.65 -9.01
N THR A 165 27.21 -3.07 -7.91
CA THR A 165 27.94 -3.58 -6.75
C THR A 165 27.93 -5.10 -6.65
N GLN A 166 27.13 -5.75 -7.50
CA GLN A 166 27.03 -7.20 -7.52
C GLN A 166 26.30 -7.80 -6.31
N GLU A 167 25.86 -6.96 -5.39
CA GLU A 167 25.14 -7.48 -4.22
C GLU A 167 23.70 -7.81 -4.56
N THR A 168 23.14 -8.78 -3.85
CA THR A 168 21.76 -9.20 -4.08
C THR A 168 20.93 -9.19 -2.82
N ARG A 169 19.62 -9.12 -3.01
CA ARG A 169 18.69 -9.11 -1.89
C ARG A 169 17.42 -9.87 -2.24
N GLU A 170 16.81 -10.47 -1.22
CA GLU A 170 15.58 -11.18 -1.43
C GLU A 170 14.46 -10.22 -1.12
N ILE A 171 13.54 -10.08 -2.07
CA ILE A 171 12.39 -9.20 -1.92
C ILE A 171 11.14 -10.08 -1.91
N LEU A 172 10.25 -9.84 -0.96
CA LEU A 172 9.01 -10.61 -0.89
C LEU A 172 7.92 -9.76 -1.54
N HIS A 173 7.17 -10.37 -2.45
CA HIS A 173 6.11 -9.68 -3.16
C HIS A 173 4.79 -10.26 -2.70
N PHE A 174 3.95 -9.43 -2.08
CA PHE A 174 2.65 -9.87 -1.59
C PHE A 174 1.60 -9.26 -2.50
N HIS A 175 1.02 -10.09 -3.34
CA HIS A 175 0.06 -9.65 -4.33
C HIS A 175 -1.38 -10.04 -4.04
N TYR A 176 -2.20 -9.05 -3.69
CA TYR A 176 -3.62 -9.28 -3.43
C TYR A 176 -4.26 -9.22 -4.81
N THR A 177 -4.75 -10.36 -5.29
CA THR A 177 -5.30 -10.45 -6.63
C THR A 177 -6.81 -10.31 -6.81
N THR A 178 -7.56 -10.18 -5.71
CA THR A 178 -9.00 -10.10 -5.81
C THR A 178 -9.66 -8.83 -5.23
N TRP A 179 -8.91 -7.74 -5.17
CA TRP A 179 -9.43 -6.48 -4.63
C TRP A 179 -9.75 -5.53 -5.78
N PRO A 180 -11.04 -5.37 -6.12
CA PRO A 180 -11.49 -4.50 -7.20
C PRO A 180 -11.07 -3.03 -7.05
N ASP A 181 -10.84 -2.34 -8.15
CA ASP A 181 -10.46 -0.93 -8.07
C ASP A 181 -11.66 -0.16 -7.52
N PHE A 182 -11.40 0.73 -6.57
CA PHE A 182 -12.45 1.51 -5.93
C PHE A 182 -13.45 0.57 -5.27
N GLY A 183 -12.94 -0.61 -4.89
CA GLY A 183 -13.76 -1.61 -4.23
C GLY A 183 -13.18 -1.99 -2.87
N VAL A 184 -13.72 -3.05 -2.27
CA VAL A 184 -13.26 -3.50 -0.96
C VAL A 184 -12.93 -4.99 -1.00
N PRO A 185 -12.16 -5.49 -0.02
CA PRO A 185 -11.83 -6.92 0.00
C PRO A 185 -13.10 -7.73 0.17
N GLU A 186 -13.06 -9.02 -0.14
CA GLU A 186 -14.25 -9.86 -0.01
C GLU A 186 -14.78 -9.91 1.42
N SER A 187 -13.91 -9.73 2.40
CA SER A 187 -14.33 -9.75 3.80
C SER A 187 -13.19 -9.31 4.70
N PRO A 188 -13.51 -8.85 5.92
CA PRO A 188 -12.44 -8.44 6.82
C PRO A 188 -11.46 -9.61 7.01
N ALA A 189 -12.01 -10.82 7.03
CA ALA A 189 -11.19 -12.01 7.21
C ALA A 189 -10.11 -12.17 6.15
N SER A 190 -10.50 -12.13 4.88
CA SER A 190 -9.53 -12.30 3.81
C SER A 190 -8.47 -11.20 3.86
N PHE A 191 -8.89 -9.97 4.14
CA PHE A 191 -7.95 -8.86 4.23
C PHE A 191 -6.94 -9.03 5.37
N LEU A 192 -7.44 -9.35 6.57
CA LEU A 192 -6.58 -9.53 7.72
C LEU A 192 -5.65 -10.72 7.57
N ASN A 193 -6.14 -11.80 6.96
CA ASN A 193 -5.31 -12.98 6.77
C ASN A 193 -4.11 -12.52 5.94
N PHE A 194 -4.38 -11.74 4.90
CA PHE A 194 -3.34 -11.19 4.02
C PHE A 194 -2.40 -10.28 4.82
N LEU A 195 -2.95 -9.31 5.55
CA LEU A 195 -2.13 -8.40 6.34
C LEU A 195 -1.22 -9.14 7.32
N PHE A 196 -1.76 -10.12 8.03
CA PHE A 196 -0.92 -10.83 8.97
C PHE A 196 0.14 -11.69 8.32
N LYS A 197 -0.08 -12.06 7.07
CA LYS A 197 0.90 -12.86 6.33
C LYS A 197 2.09 -11.91 6.06
N VAL A 198 1.78 -10.68 5.68
CA VAL A 198 2.82 -9.70 5.43
C VAL A 198 3.59 -9.45 6.72
N ARG A 199 2.85 -9.28 7.82
CA ARG A 199 3.47 -9.05 9.11
C ARG A 199 4.38 -10.21 9.52
N GLU A 200 3.88 -11.44 9.43
CA GLU A 200 4.64 -12.61 9.85
C GLU A 200 5.90 -12.86 9.03
N SER A 201 5.95 -12.30 7.83
CA SER A 201 7.11 -12.47 6.94
C SER A 201 8.31 -11.68 7.44
N GLY A 202 8.06 -10.73 8.33
CA GLY A 202 9.13 -9.91 8.84
C GLY A 202 9.37 -8.67 7.97
N SER A 203 8.64 -8.56 6.87
CA SER A 203 8.78 -7.42 5.96
C SER A 203 8.51 -6.04 6.56
N LEU A 204 7.67 -5.98 7.59
CA LEU A 204 7.33 -4.70 8.20
C LEU A 204 8.20 -4.38 9.40
N SER A 205 9.20 -5.22 9.64
CA SER A 205 10.11 -5.02 10.76
C SER A 205 10.90 -3.72 10.62
N PRO A 206 11.15 -3.04 11.74
CA PRO A 206 11.91 -1.79 11.73
C PRO A 206 13.38 -1.99 11.33
N GLU A 207 13.81 -3.25 11.22
CA GLU A 207 15.18 -3.56 10.83
C GLU A 207 15.35 -3.39 9.32
N HIS A 208 14.24 -3.32 8.60
CA HIS A 208 14.28 -3.17 7.16
C HIS A 208 13.83 -1.77 6.79
N GLY A 209 13.99 -1.42 5.52
CA GLY A 209 13.54 -0.13 5.06
C GLY A 209 12.02 -0.23 5.02
N PRO A 210 11.32 0.88 4.74
CA PRO A 210 9.85 0.82 4.70
C PRO A 210 9.31 -0.08 3.58
N VAL A 211 8.23 -0.80 3.88
CA VAL A 211 7.60 -1.66 2.88
C VAL A 211 7.06 -0.74 1.78
N VAL A 212 7.10 -1.21 0.53
CA VAL A 212 6.56 -0.43 -0.58
C VAL A 212 5.16 -0.96 -0.83
N VAL A 213 4.16 -0.09 -0.71
CA VAL A 213 2.78 -0.48 -0.93
C VAL A 213 2.21 0.25 -2.14
N HIS A 214 1.55 -0.46 -3.05
CA HIS A 214 1.00 0.21 -4.21
C HIS A 214 -0.29 -0.44 -4.72
N SER A 215 -1.02 0.34 -5.51
CA SER A 215 -2.24 -0.11 -6.16
C SER A 215 -2.04 0.49 -7.56
N SER A 216 -3.08 0.98 -8.22
CA SER A 216 -2.83 1.57 -9.53
C SER A 216 -2.32 3.00 -9.31
N ALA A 217 -2.97 3.73 -8.40
CA ALA A 217 -2.58 5.11 -8.10
C ALA A 217 -1.78 5.18 -6.81
N GLY A 218 -1.87 4.14 -5.99
CA GLY A 218 -1.16 4.14 -4.72
C GLY A 218 -1.85 4.97 -3.64
N ILE A 219 -3.18 5.07 -3.68
CA ILE A 219 -3.89 5.84 -2.66
C ILE A 219 -5.16 5.20 -2.11
N GLY A 220 -5.94 4.52 -2.95
CA GLY A 220 -7.21 3.95 -2.50
C GLY A 220 -7.08 2.66 -1.72
N ARG A 221 -6.84 1.57 -2.44
CA ARG A 221 -6.65 0.28 -1.79
C ARG A 221 -5.40 0.35 -0.91
N SER A 222 -4.39 1.09 -1.37
CA SER A 222 -3.16 1.25 -0.59
C SER A 222 -3.41 1.92 0.75
N GLY A 223 -4.21 2.98 0.74
CA GLY A 223 -4.50 3.69 1.98
C GLY A 223 -5.26 2.79 2.94
N THR A 224 -6.12 1.95 2.40
CA THR A 224 -6.92 1.05 3.22
C THR A 224 -5.99 0.10 3.96
N PHE A 225 -5.07 -0.51 3.22
CA PHE A 225 -4.10 -1.43 3.80
C PHE A 225 -3.31 -0.78 4.94
N CYS A 226 -2.70 0.37 4.66
CA CYS A 226 -1.89 1.05 5.67
C CYS A 226 -2.71 1.56 6.87
N LEU A 227 -3.91 2.09 6.61
CA LEU A 227 -4.72 2.59 7.70
C LEU A 227 -5.04 1.47 8.70
N ALA A 228 -5.43 0.31 8.18
CA ALA A 228 -5.76 -0.81 9.06
C ALA A 228 -4.54 -1.23 9.87
N ASP A 229 -3.41 -1.37 9.20
CA ASP A 229 -2.18 -1.79 9.87
C ASP A 229 -1.75 -0.83 10.97
N THR A 230 -1.75 0.47 10.67
CA THR A 230 -1.33 1.44 11.67
C THR A 230 -2.29 1.50 12.86
N CYS A 231 -3.60 1.42 12.60
CA CYS A 231 -4.56 1.44 13.69
C CYS A 231 -4.34 0.27 14.64
N LEU A 232 -4.08 -0.92 14.08
CA LEU A 232 -3.85 -2.10 14.90
C LEU A 232 -2.55 -1.96 15.70
N LEU A 233 -1.57 -1.31 15.10
CA LEU A 233 -0.30 -1.07 15.78
C LEU A 233 -0.57 -0.18 16.99
N LEU A 234 -1.31 0.90 16.80
CA LEU A 234 -1.62 1.81 17.90
C LEU A 234 -2.45 1.16 19.01
N MET A 235 -3.40 0.30 18.62
CA MET A 235 -4.24 -0.37 19.61
C MET A 235 -3.43 -1.34 20.48
N ASP A 236 -2.36 -1.86 19.92
CA ASP A 236 -1.51 -2.80 20.65
C ASP A 236 -0.54 -2.04 21.54
N LYS A 237 -0.24 -0.80 21.15
CA LYS A 237 0.72 0.03 21.87
C LYS A 237 0.12 0.88 23.00
N ARG A 238 -1.08 1.39 22.80
CA ARG A 238 -1.73 2.24 23.80
C ARG A 238 -2.34 1.53 24.99
N LYS A 239 -2.35 2.23 26.12
CA LYS A 239 -2.92 1.72 27.37
C LYS A 239 -4.42 1.50 27.16
N ASP A 240 -5.06 2.41 26.45
CA ASP A 240 -6.49 2.29 26.14
C ASP A 240 -6.66 2.22 24.63
N PRO A 241 -6.82 1.00 24.09
CA PRO A 241 -6.99 0.85 22.65
C PRO A 241 -8.19 1.60 22.07
N SER A 242 -9.20 1.88 22.91
CA SER A 242 -10.39 2.58 22.43
C SER A 242 -10.12 4.07 22.18
N SER A 243 -8.91 4.52 22.51
CA SER A 243 -8.54 5.92 22.31
C SER A 243 -8.09 6.17 20.87
N VAL A 244 -7.92 5.09 20.11
CA VAL A 244 -7.50 5.22 18.72
C VAL A 244 -8.69 5.72 17.88
N ASP A 245 -8.49 6.85 17.21
CA ASP A 245 -9.51 7.46 16.36
C ASP A 245 -9.06 7.23 14.91
N ILE A 246 -9.68 6.26 14.25
CA ILE A 246 -9.31 5.92 12.89
C ILE A 246 -9.38 7.10 11.92
N LYS A 247 -10.31 8.02 12.13
CA LYS A 247 -10.44 9.18 11.26
C LYS A 247 -9.20 10.07 11.42
N LYS A 248 -8.75 10.24 12.65
CA LYS A 248 -7.56 11.04 12.90
C LYS A 248 -6.29 10.37 12.37
N VAL A 249 -6.22 9.05 12.45
CA VAL A 249 -5.06 8.33 11.93
C VAL A 249 -5.00 8.54 10.41
N LEU A 250 -6.16 8.45 9.75
CA LEU A 250 -6.22 8.65 8.30
C LEU A 250 -5.80 10.07 7.94
N LEU A 251 -6.28 11.06 8.70
CA LEU A 251 -5.87 12.44 8.43
C LEU A 251 -4.37 12.59 8.62
N GLU A 252 -3.80 11.91 9.60
CA GLU A 252 -2.36 11.99 9.82
C GLU A 252 -1.63 11.42 8.59
N MET A 253 -2.11 10.28 8.10
CA MET A 253 -1.49 9.67 6.93
C MET A 253 -1.60 10.59 5.70
N ARG A 254 -2.74 11.27 5.58
CA ARG A 254 -2.93 12.16 4.45
C ARG A 254 -2.05 13.40 4.51
N LYS A 255 -1.28 13.58 5.58
CA LYS A 255 -0.35 14.72 5.62
C LYS A 255 0.83 14.35 4.71
N PHE A 256 0.96 13.04 4.44
CA PHE A 256 2.08 12.52 3.65
C PHE A 256 1.80 12.15 2.19
N ARG A 257 0.55 11.85 1.88
CA ARG A 257 0.16 11.53 0.50
C ARG A 257 -1.32 11.81 0.36
N MET A 258 -1.68 12.49 -0.72
CA MET A 258 -3.07 12.85 -0.97
C MET A 258 -4.01 11.68 -1.29
N GLY A 259 -5.28 11.87 -0.95
CA GLY A 259 -6.34 10.94 -1.28
C GLY A 259 -6.37 9.53 -0.75
N LEU A 260 -5.65 9.26 0.33
CA LEU A 260 -5.65 7.90 0.89
C LEU A 260 -7.07 7.52 1.27
N ILE A 261 -7.50 6.36 0.77
CA ILE A 261 -8.86 5.83 0.94
C ILE A 261 -9.70 6.64 -0.04
N GLN A 262 -10.17 5.97 -1.10
CA GLN A 262 -10.91 6.65 -2.16
C GLN A 262 -12.43 6.63 -2.16
N THR A 263 -13.04 5.82 -1.30
CA THR A 263 -14.49 5.78 -1.26
C THR A 263 -14.99 5.62 0.17
N ALA A 264 -16.24 5.99 0.39
CA ALA A 264 -16.83 5.85 1.71
C ALA A 264 -16.85 4.38 2.13
N ASP A 265 -17.09 3.48 1.18
CA ASP A 265 -17.14 2.06 1.52
C ASP A 265 -15.76 1.53 1.89
N GLN A 266 -14.71 2.09 1.30
CA GLN A 266 -13.37 1.64 1.68
C GLN A 266 -13.13 2.10 3.13
N LEU A 267 -13.62 3.30 3.47
CA LEU A 267 -13.45 3.77 4.85
C LEU A 267 -14.24 2.85 5.78
N ARG A 268 -15.48 2.54 5.41
CA ARG A 268 -16.33 1.66 6.20
C ARG A 268 -15.62 0.31 6.39
N PHE A 269 -15.05 -0.21 5.30
CA PHE A 269 -14.35 -1.49 5.39
C PHE A 269 -13.15 -1.40 6.34
N SER A 270 -12.44 -0.28 6.32
CA SER A 270 -11.30 -0.10 7.20
C SER A 270 -11.74 -0.25 8.65
N TYR A 271 -12.89 0.33 9.01
CA TYR A 271 -13.41 0.19 10.37
C TYR A 271 -13.63 -1.30 10.69
N LEU A 272 -14.32 -2.00 9.79
CA LEU A 272 -14.60 -3.41 10.00
C LEU A 272 -13.32 -4.24 10.15
N ALA A 273 -12.33 -3.94 9.31
CA ALA A 273 -11.05 -4.65 9.37
C ALA A 273 -10.34 -4.42 10.71
N VAL A 274 -10.37 -3.19 11.21
CA VAL A 274 -9.70 -2.88 12.46
C VAL A 274 -10.46 -3.48 13.64
N ILE A 275 -11.79 -3.41 13.60
CA ILE A 275 -12.61 -3.95 14.67
C ILE A 275 -12.35 -5.46 14.80
N GLU A 276 -12.33 -6.15 13.65
CA GLU A 276 -12.10 -7.60 13.64
C GLU A 276 -10.66 -7.92 14.05
N GLY A 277 -9.70 -7.19 13.50
CA GLY A 277 -8.31 -7.44 13.86
C GLY A 277 -8.02 -7.19 15.32
N ALA A 278 -8.75 -6.24 15.92
CA ALA A 278 -8.55 -5.93 17.33
C ALA A 278 -8.84 -7.14 18.22
N LYS A 279 -9.73 -8.02 17.76
CA LYS A 279 -10.07 -9.21 18.54
C LYS A 279 -8.82 -10.06 18.77
N PHE A 280 -7.87 -9.99 17.83
CA PHE A 280 -6.63 -10.73 17.95
C PHE A 280 -5.64 -10.00 18.85
N ILE A 281 -5.56 -8.69 18.67
CA ILE A 281 -4.65 -7.87 19.47
C ILE A 281 -5.02 -7.93 20.96
N MET A 282 -6.32 -7.94 21.24
CA MET A 282 -6.82 -8.00 22.61
C MET A 282 -6.81 -9.43 23.15
N GLY A 283 -5.85 -10.22 22.70
CA GLY A 283 -5.79 -11.60 23.14
C GLY A 283 -6.69 -12.38 22.23
N ASP A 284 -6.98 -13.63 22.58
CA ASP A 284 -7.84 -14.46 21.73
C ASP A 284 -7.21 -14.55 20.35
N SER A 285 -6.01 -15.12 20.31
CA SER A 285 -5.27 -15.28 19.06
C SER A 285 -5.82 -16.43 18.22
N SER A 286 -6.99 -16.92 18.60
CA SER A 286 -7.64 -18.02 17.88
C SER A 286 -8.33 -17.48 16.63
N VAL A 287 -8.63 -16.19 16.64
CA VAL A 287 -9.30 -15.56 15.50
C VAL A 287 -8.41 -15.61 14.25
N GLN A 288 -7.10 -15.62 14.47
CA GLN A 288 -6.13 -15.67 13.38
C GLN A 288 -6.33 -16.91 12.53
N ASP A 289 -6.62 -18.04 13.20
CA ASP A 289 -6.84 -19.30 12.50
C ASP A 289 -8.21 -19.26 11.84
N GLN A 290 -9.12 -18.48 12.41
CA GLN A 290 -10.46 -18.33 11.87
C GLN A 290 -10.45 -17.57 10.56
N TRP A 291 -9.66 -16.49 10.48
CA TRP A 291 -9.60 -15.71 9.25
C TRP A 291 -9.00 -16.59 8.17
N LYS A 292 -7.99 -17.37 8.57
CA LYS A 292 -7.30 -18.30 7.68
C LYS A 292 -8.32 -19.23 7.04
N GLU A 293 -9.14 -19.84 7.88
CA GLU A 293 -10.17 -20.76 7.42
C GLU A 293 -11.23 -20.03 6.60
N LEU A 294 -11.66 -18.87 7.09
CA LEU A 294 -12.69 -18.07 6.41
C LEU A 294 -12.24 -17.50 5.07
N SER A 295 -10.93 -17.31 4.89
CA SER A 295 -10.42 -16.74 3.65
C SER A 295 -10.47 -17.75 2.50
N HIS A 296 -10.46 -19.04 2.85
CA HIS A 296 -10.51 -20.10 1.83
C HIS A 296 -9.36 -19.93 0.84
N GLU A 297 -8.18 -19.59 1.34
CA GLU A 297 -7.02 -19.39 0.48
C GLU A 297 -6.59 -20.64 -0.29
N ASP A 298 -7.26 -20.90 -1.40
CA ASP A 298 -6.97 -22.04 -2.26
C ASP A 298 -6.78 -23.34 -1.47
N LEU B 3 -5.17 12.99 -21.43
CA LEU B 3 -4.71 13.02 -20.02
C LEU B 3 -5.42 11.91 -19.25
N GLU B 4 -4.71 11.23 -18.35
CA GLU B 4 -5.31 10.14 -17.61
C GLU B 4 -5.62 10.56 -16.17
N PHE B 5 -6.84 10.26 -15.71
CA PHE B 5 -7.26 10.60 -14.34
C PHE B 5 -7.71 9.35 -13.59
N MET B 7 -9.42 9.43 -10.47
CA MET B 7 -10.69 9.66 -9.82
C MET B 7 -11.86 9.88 -10.79
N ASP B 8 -13.07 9.85 -10.25
CA ASP B 8 -14.27 10.02 -11.05
C ASP B 8 -14.76 11.46 -10.95
N TYR B 9 -15.01 12.09 -12.10
CA TYR B 9 -15.48 13.46 -12.14
C TYR B 9 -16.84 13.55 -12.82
N GLU B 10 -17.48 12.41 -13.03
CA GLU B 10 -18.78 12.37 -13.68
C GLU B 10 -19.93 12.42 -12.68
#